data_9MSQ
#
_entry.id   9MSQ
#
_cell.length_a   73.758
_cell.length_b   73.758
_cell.length_c   107.014
_cell.angle_alpha   90.000
_cell.angle_beta   90.000
_cell.angle_gamma   90.000
#
_symmetry.space_group_name_H-M   'P 43 2 2'
#
loop_
_entity.id
_entity.type
_entity.pdbx_description
1 polymer 'Heat shock protein 90 homolog'
2 non-polymer (7R)-2-amino-7-[4-fluoro-2-(6-methoxypyridin-2-yl)phenyl]-4-methyl-7,8-dihydropyrido[4,3-d]pyrimidin-5(6H)-one
3 water water
#
_entity_poly.entity_id   1
_entity_poly.type   'polypeptide(L)'
_entity_poly.pdbx_seq_one_letter_code
;MADAKVETHEFTAEISQLMSLIINTVYSNKEIFLRELISNASDALDKIRYQALSDPSQLESEPELFIRIIPQKDQKVLEI
RDSGIGMTKADLVNNLGTIAKSGTKSFMEALSAGADVSMIGQFGVGFYSLFLVADHVQVISKHNDDEQYVWESNAGGKFT
VTLDETNERLGRGTMLRLFLKEDQLEYLEEKRIKEVVKKHSEFVAYPIQLVVTKEVEKNLYFQSGSHHHHHH
;
_entity_poly.pdbx_strand_id   A
#
loop_
_chem_comp.id
_chem_comp.type
_chem_comp.name
_chem_comp.formula
990 non-polymer (7R)-2-amino-7-[4-fluoro-2-(6-methoxypyridin-2-yl)phenyl]-4-methyl-7,8-dihydropyrido[4,3-d]pyrimidin-5(6H)-one 'C20 H18 F N5 O2'
#
# COMPACT_ATOMS: atom_id res chain seq x y z
N ALA A 4 -2.42 -16.19 -18.71
CA ALA A 4 -2.57 -14.82 -18.15
C ALA A 4 -1.53 -13.89 -18.77
N LYS A 5 -1.96 -12.70 -19.21
CA LYS A 5 -1.06 -11.78 -19.94
C LYS A 5 -0.46 -10.75 -18.99
N VAL A 6 0.85 -10.85 -18.79
CA VAL A 6 1.58 -9.89 -17.93
C VAL A 6 1.98 -8.68 -18.79
N GLU A 7 1.26 -7.57 -18.68
CA GLU A 7 1.67 -6.36 -19.36
C GLU A 7 2.84 -5.76 -18.58
N THR A 8 3.98 -5.58 -19.24
CA THR A 8 5.11 -4.84 -18.68
C THR A 8 5.00 -3.36 -19.06
N HIS A 9 5.51 -2.52 -18.15
CA HIS A 9 5.55 -1.08 -18.31
C HIS A 9 6.79 -0.59 -17.59
N GLU A 10 7.23 0.59 -17.99
CA GLU A 10 8.45 1.18 -17.39
C GLU A 10 8.03 2.34 -16.50
N PHE A 11 8.73 2.49 -15.40
CA PHE A 11 8.49 3.61 -14.47
C PHE A 11 9.11 4.84 -15.04
N THR A 12 8.58 6.00 -14.70
CA THR A 12 9.14 7.29 -15.09
C THR A 12 10.47 7.42 -14.41
N ALA A 13 11.40 8.20 -14.94
CA ALA A 13 12.74 8.25 -14.38
C ALA A 13 12.71 8.81 -12.97
N GLU A 14 11.86 9.82 -12.72
CA GLU A 14 11.76 10.37 -11.37
C GLU A 14 11.19 9.34 -10.38
N ILE A 15 10.24 8.53 -10.84
CA ILE A 15 9.64 7.51 -9.94
C ILE A 15 10.67 6.40 -9.72
N SER A 16 11.45 6.02 -10.71
CA SER A 16 12.41 4.92 -10.54
C SER A 16 13.51 5.36 -9.58
N GLN A 17 13.83 6.65 -9.57
CA GLN A 17 14.92 7.19 -8.73
C GLN A 17 14.44 7.38 -7.30
N LEU A 18 13.17 7.68 -7.13
CA LEU A 18 12.55 7.77 -5.80
C LEU A 18 12.55 6.35 -5.21
N MET A 19 12.12 5.36 -5.97
CA MET A 19 12.02 4.00 -5.43
C MET A 19 13.41 3.57 -4.98
N SER A 20 14.45 3.87 -5.74
CA SER A 20 15.84 3.46 -5.45
C SER A 20 16.36 4.17 -4.21
N LEU A 21 16.10 5.44 -4.10
CA LEU A 21 16.52 6.22 -2.92
C LEU A 21 16.00 5.52 -1.67
N ILE A 22 14.69 5.30 -1.55
CA ILE A 22 14.06 4.75 -0.32
C ILE A 22 14.53 3.31 -0.06
N ILE A 23 14.60 2.47 -1.07
CA ILE A 23 14.88 1.08 -0.83
C ILE A 23 16.31 0.91 -0.33
N ASN A 24 17.18 1.87 -0.67
CA ASN A 24 18.60 1.82 -0.31
C ASN A 24 18.87 2.55 1.00
N THR A 25 18.06 3.55 1.33
CA THR A 25 18.32 4.37 2.51
C THR A 25 18.51 3.61 3.81
N VAL A 26 19.11 4.29 4.77
CA VAL A 26 19.41 3.73 6.08
C VAL A 26 18.48 4.25 7.15
N TYR A 27 17.51 5.09 6.79
CA TYR A 27 16.60 5.77 7.76
C TYR A 27 16.34 4.91 8.97
N SER A 28 16.34 5.50 10.15
CA SER A 28 16.21 4.75 11.42
C SER A 28 14.75 4.46 11.78
N ASN A 29 13.84 5.42 11.61
CA ASN A 29 12.43 5.24 12.01
C ASN A 29 11.65 4.61 10.84
N LYS A 30 12.05 3.42 10.38
CA LYS A 30 11.43 2.77 9.21
C LYS A 30 9.97 2.39 9.49
N GLU A 31 9.54 2.26 10.75
CA GLU A 31 8.15 2.00 11.08
C GLU A 31 7.12 2.99 10.50
N ILE A 32 7.59 4.06 9.91
CA ILE A 32 6.59 5.04 9.47
C ILE A 32 5.80 4.52 8.27
N PHE A 33 6.32 3.49 7.58
CA PHE A 33 5.65 2.98 6.39
C PHE A 33 4.20 2.63 6.69
N LEU A 34 3.95 2.12 7.90
CA LEU A 34 2.61 1.66 8.23
C LEU A 34 1.62 2.82 8.36
N ARG A 35 2.02 3.91 9.04
CA ARG A 35 1.19 5.13 9.05
C ARG A 35 0.79 5.54 7.63
N GLU A 36 1.78 5.58 6.74
CA GLU A 36 1.56 6.00 5.36
C GLU A 36 0.59 5.11 4.61
N LEU A 37 0.76 3.77 4.70
CA LEU A 37 -0.16 2.87 3.99
C LEU A 37 -1.55 2.90 4.60
N ILE A 38 -1.62 3.04 5.92
CA ILE A 38 -2.92 3.12 6.55
C ILE A 38 -3.61 4.39 6.13
N SER A 39 -2.83 5.46 5.95
CA SER A 39 -3.37 6.76 5.61
C SER A 39 -3.96 6.73 4.21
N ASN A 40 -3.28 6.01 3.28
CA ASN A 40 -3.79 5.79 1.93
C ASN A 40 -5.04 4.92 1.97
N ALA A 41 -5.04 3.90 2.83
CA ALA A 41 -6.21 3.04 2.87
C ALA A 41 -7.41 3.82 3.42
N SER A 42 -7.18 4.61 4.48
CA SER A 42 -8.22 5.47 5.03
C SER A 42 -8.73 6.47 3.99
N ASP A 43 -7.83 7.02 3.16
CA ASP A 43 -8.31 7.94 2.13
C ASP A 43 -9.11 7.21 1.09
N ALA A 44 -8.67 6.00 0.73
CA ALA A 44 -9.40 5.25 -0.29
C ALA A 44 -10.77 4.88 0.21
N LEU A 45 -10.90 4.65 1.52
CA LEU A 45 -12.21 4.39 2.08
C LEU A 45 -13.07 5.65 2.06
N ASP A 46 -12.48 6.81 2.40
CA ASP A 46 -13.20 8.09 2.32
C ASP A 46 -13.80 8.26 0.92
N LYS A 47 -13.04 7.88 -0.13
CA LYS A 47 -13.49 8.05 -1.51
C LYS A 47 -14.69 7.17 -1.83
N ILE A 48 -14.70 5.92 -1.38
CA ILE A 48 -15.88 5.11 -1.62
C ILE A 48 -17.06 5.56 -0.76
N ARG A 49 -16.80 6.00 0.47
CA ARG A 49 -17.86 6.48 1.33
C ARG A 49 -18.52 7.72 0.75
N TYR A 50 -17.74 8.61 0.10
CA TYR A 50 -18.33 9.81 -0.52
C TYR A 50 -19.30 9.43 -1.64
N GLN A 51 -18.87 8.54 -2.52
CA GLN A 51 -19.75 8.07 -3.57
C GLN A 51 -21.00 7.41 -3.02
N ALA A 52 -20.87 6.71 -1.91
CA ALA A 52 -22.00 6.03 -1.29
C ALA A 52 -22.99 7.01 -0.66
N LEU A 53 -22.54 8.20 -0.31
CA LEU A 53 -23.49 9.24 0.09
C LEU A 53 -24.51 9.47 -1.02
N SER A 54 -24.05 9.56 -2.26
CA SER A 54 -24.96 9.67 -3.39
C SER A 54 -25.63 8.33 -3.68
N ASP A 55 -24.82 7.28 -3.94
CA ASP A 55 -25.23 6.01 -4.53
C ASP A 55 -24.81 4.89 -3.57
N PRO A 56 -25.69 4.50 -2.64
CA PRO A 56 -25.31 3.45 -1.66
C PRO A 56 -25.17 2.03 -2.26
N SER A 57 -25.52 1.83 -3.53
CA SER A 57 -25.23 0.59 -4.21
C SER A 57 -23.74 0.41 -4.49
N GLN A 58 -22.94 1.46 -4.34
CA GLN A 58 -21.52 1.35 -4.61
C GLN A 58 -20.84 0.46 -3.59
N LEU A 59 -21.40 0.44 -2.37
CA LEU A 59 -20.89 -0.36 -1.28
C LEU A 59 -21.24 -1.83 -1.37
N GLU A 60 -22.06 -2.26 -2.32
CA GLU A 60 -22.59 -3.64 -2.25
C GLU A 60 -21.54 -4.69 -2.62
N SER A 61 -20.44 -4.30 -3.30
CA SER A 61 -19.38 -5.24 -3.66
C SER A 61 -18.56 -5.70 -2.45
N GLU A 62 -18.62 -4.98 -1.36
CA GLU A 62 -17.95 -5.29 -0.10
C GLU A 62 -18.48 -4.36 0.99
N PRO A 63 -19.60 -4.72 1.57
CA PRO A 63 -20.30 -3.80 2.47
C PRO A 63 -19.48 -3.34 3.65
N GLU A 64 -18.57 -4.17 4.15
CA GLU A 64 -17.79 -3.81 5.35
C GLU A 64 -16.69 -2.83 4.93
N LEU A 65 -16.54 -1.74 5.67
CA LEU A 65 -15.52 -0.72 5.38
C LEU A 65 -14.43 -0.90 6.43
N PHE A 66 -13.26 -1.32 6.01
CA PHE A 66 -12.18 -1.67 6.96
C PHE A 66 -10.78 -1.56 6.41
N ILE A 67 -9.81 -1.44 7.31
CA ILE A 67 -8.37 -1.55 6.98
C ILE A 67 -8.00 -2.87 7.69
N ARG A 68 -7.22 -3.76 7.10
CA ARG A 68 -6.86 -5.06 7.66
C ARG A 68 -5.39 -5.38 7.41
N ILE A 69 -4.72 -5.73 8.50
CA ILE A 69 -3.31 -6.01 8.50
C ILE A 69 -3.13 -7.50 8.73
N ILE A 70 -2.56 -8.19 7.73
CA ILE A 70 -2.47 -9.65 7.68
C ILE A 70 -1.05 -10.13 7.56
N PRO A 71 -0.34 -10.38 8.65
CA PRO A 71 1.00 -10.98 8.57
C PRO A 71 0.94 -12.41 8.06
N GLN A 72 1.90 -12.75 7.19
CA GLN A 72 2.03 -14.11 6.64
C GLN A 72 3.45 -14.61 6.93
N LYS A 73 3.68 -15.09 8.17
CA LYS A 73 5.03 -15.42 8.61
C LYS A 73 5.68 -16.42 7.68
N ASP A 74 4.92 -17.40 7.23
CA ASP A 74 5.44 -18.41 6.32
C ASP A 74 6.09 -17.76 5.10
N GLN A 75 5.43 -16.77 4.47
CA GLN A 75 5.99 -16.20 3.24
C GLN A 75 6.87 -14.96 3.43
N LYS A 76 7.08 -14.54 4.68
CA LYS A 76 7.78 -13.26 4.97
C LYS A 76 7.07 -12.13 4.24
N VAL A 77 5.76 -12.11 4.41
CA VAL A 77 4.89 -11.16 3.75
C VAL A 77 3.98 -10.48 4.79
N LEU A 78 3.83 -9.16 4.67
CA LEU A 78 2.86 -8.39 5.44
C LEU A 78 1.87 -7.80 4.43
N GLU A 79 0.59 -8.12 4.56
CA GLU A 79 -0.45 -7.61 3.69
C GLU A 79 -1.22 -6.54 4.41
N ILE A 80 -1.46 -5.43 3.72
CA ILE A 80 -2.30 -4.35 4.17
C ILE A 80 -3.43 -4.24 3.18
N ARG A 81 -4.62 -4.62 3.61
CA ARG A 81 -5.82 -4.62 2.81
C ARG A 81 -6.81 -3.56 3.26
N ASP A 82 -7.45 -2.95 2.30
CA ASP A 82 -8.55 -2.02 2.56
C ASP A 82 -9.71 -2.39 1.66
N SER A 83 -10.92 -2.07 2.12
CA SER A 83 -12.11 -2.13 1.26
C SER A 83 -12.49 -0.72 0.74
N GLY A 84 -11.49 0.04 0.32
CA GLY A 84 -11.73 1.34 -0.24
C GLY A 84 -12.18 1.29 -1.69
N ILE A 85 -11.99 2.41 -2.37
CA ILE A 85 -12.52 2.53 -3.73
C ILE A 85 -11.87 1.55 -4.68
N GLY A 86 -10.65 1.16 -4.42
CA GLY A 86 -9.94 0.38 -5.42
C GLY A 86 -9.48 1.23 -6.62
N MET A 87 -8.74 0.56 -7.50
CA MET A 87 -8.07 1.17 -8.64
C MET A 87 -8.41 0.34 -9.88
N THR A 88 -8.93 0.99 -10.92
CA THR A 88 -9.12 0.32 -12.21
C THR A 88 -7.77 -0.14 -12.81
N LYS A 89 -7.84 -1.04 -13.81
CA LYS A 89 -6.59 -1.32 -14.51
C LYS A 89 -5.89 -0.06 -15.05
N ALA A 90 -6.64 0.96 -15.50
CA ALA A 90 -5.99 2.15 -16.06
C ALA A 90 -5.30 2.95 -14.94
N ASP A 91 -5.97 3.10 -13.80
CA ASP A 91 -5.33 3.63 -12.62
C ASP A 91 -3.94 3.00 -12.40
N LEU A 92 -3.88 1.66 -12.39
CA LEU A 92 -2.63 1.03 -11.98
C LEU A 92 -1.51 1.27 -12.99
N VAL A 93 -1.87 1.37 -14.28
CA VAL A 93 -0.88 1.56 -15.34
C VAL A 93 -0.43 3.02 -15.43
N ASN A 94 -0.99 3.93 -14.63
CA ASN A 94 -0.73 5.35 -14.81
C ASN A 94 -0.93 6.13 -13.52
N ASN A 95 -0.36 5.61 -12.42
CA ASN A 95 -0.61 6.23 -11.14
C ASN A 95 0.55 7.12 -10.68
N THR A 98 -1.38 10.38 -12.72
CA THR A 98 -0.04 10.46 -12.13
C THR A 98 0.10 11.83 -11.42
N ILE A 99 -0.56 11.99 -10.26
CA ILE A 99 -0.17 13.07 -9.36
C ILE A 99 1.22 12.75 -8.79
N ALA A 100 1.62 11.47 -8.91
CA ALA A 100 2.91 11.01 -8.40
C ALA A 100 4.05 11.84 -8.95
N LYS A 101 4.00 12.13 -10.27
CA LYS A 101 5.05 12.92 -10.93
C LYS A 101 5.40 14.20 -10.15
N SER A 102 4.41 15.02 -9.81
CA SER A 102 4.70 16.30 -9.15
C SER A 102 5.19 16.10 -7.73
N GLY A 103 4.60 15.18 -6.99
CA GLY A 103 4.96 14.99 -5.58
C GLY A 103 6.29 14.32 -5.45
N THR A 104 6.72 13.61 -6.47
CA THR A 104 7.98 12.86 -6.46
C THR A 104 9.06 13.87 -6.63
N LYS A 105 8.86 14.84 -7.49
CA LYS A 105 9.88 15.88 -7.74
C LYS A 105 9.99 16.76 -6.50
N SER A 106 8.92 17.36 -6.02
CA SER A 106 8.87 18.22 -4.84
C SER A 106 9.52 17.54 -3.64
N PHE A 107 9.10 16.28 -3.37
CA PHE A 107 9.67 15.53 -2.26
C PHE A 107 11.18 15.32 -2.44
N MET A 108 11.62 15.11 -3.67
CA MET A 108 13.06 14.96 -3.86
C MET A 108 13.77 16.28 -3.54
N GLU A 109 13.24 17.43 -4.00
CA GLU A 109 13.82 18.72 -3.62
C GLU A 109 13.87 18.89 -2.09
N ALA A 110 12.78 18.55 -1.40
CA ALA A 110 12.81 18.76 0.03
C ALA A 110 13.86 17.90 0.72
N LEU A 111 14.16 16.71 0.16
CA LEU A 111 15.15 15.84 0.79
C LEU A 111 16.56 16.41 0.67
N SER A 112 16.88 17.04 -0.47
CA SER A 112 18.13 17.78 -0.61
C SER A 112 18.32 18.80 0.50
N ALA A 113 17.29 19.60 0.76
CA ALA A 113 17.31 20.60 1.82
C ALA A 113 17.36 20.02 3.24
N GLY A 114 17.31 18.71 3.35
CA GLY A 114 17.38 18.04 4.64
C GLY A 114 16.05 17.62 5.27
N ALA A 115 15.01 17.47 4.46
CA ALA A 115 13.77 16.94 4.99
C ALA A 115 13.99 15.51 5.48
N ASP A 116 13.22 15.15 6.51
CA ASP A 116 13.25 13.76 6.94
C ASP A 116 12.32 12.87 6.11
N VAL A 117 12.69 11.61 5.96
CA VAL A 117 11.91 10.67 5.16
C VAL A 117 10.44 10.66 5.60
N SER A 118 10.18 10.93 6.89
CA SER A 118 8.83 10.92 7.42
C SER A 118 7.93 11.99 6.82
N MET A 119 8.47 12.96 6.10
CA MET A 119 7.63 13.99 5.50
C MET A 119 7.05 13.55 4.17
N ILE A 120 7.27 12.30 3.77
CA ILE A 120 6.90 11.85 2.42
C ILE A 120 5.39 12.05 2.17
N GLY A 121 4.56 11.80 3.17
CA GLY A 121 3.14 11.90 2.95
C GLY A 121 2.66 13.27 2.55
N GLN A 122 3.38 14.32 2.99
CA GLN A 122 2.98 15.69 2.74
C GLN A 122 3.06 16.07 1.26
N PHE A 123 3.85 15.34 0.49
CA PHE A 123 3.99 15.51 -0.95
C PHE A 123 3.15 14.51 -1.72
N GLY A 124 2.38 13.67 -1.03
CA GLY A 124 1.44 12.75 -1.65
C GLY A 124 1.99 11.47 -2.24
N VAL A 125 3.23 11.09 -1.91
CA VAL A 125 3.82 9.89 -2.48
C VAL A 125 4.22 8.92 -1.40
N GLY A 126 3.50 8.88 -0.28
CA GLY A 126 3.90 8.02 0.83
C GLY A 126 3.79 6.51 0.58
N PHE A 127 3.01 6.10 -0.43
CA PHE A 127 3.04 4.71 -0.92
C PHE A 127 4.48 4.22 -1.05
N TYR A 128 5.36 5.04 -1.65
CA TYR A 128 6.71 4.54 -1.89
C TYR A 128 7.50 4.37 -0.61
N SER A 129 6.96 4.75 0.56
CA SER A 129 7.69 4.48 1.80
C SER A 129 7.76 2.99 2.09
N LEU A 130 6.92 2.19 1.44
CA LEU A 130 6.94 0.77 1.71
C LEU A 130 8.30 0.16 1.44
N PHE A 131 9.12 0.74 0.58
CA PHE A 131 10.44 0.17 0.29
C PHE A 131 11.45 0.38 1.41
N LEU A 132 11.09 1.08 2.47
CA LEU A 132 11.88 1.04 3.70
C LEU A 132 11.98 -0.36 4.26
N VAL A 133 10.90 -1.13 4.19
CA VAL A 133 10.87 -2.43 4.84
C VAL A 133 10.73 -3.58 3.86
N ALA A 134 10.59 -3.30 2.55
CA ALA A 134 10.33 -4.35 1.57
C ALA A 134 11.18 -4.13 0.33
N ASP A 135 11.62 -5.22 -0.29
CA ASP A 135 12.44 -5.18 -1.52
C ASP A 135 11.56 -5.42 -2.74
N HIS A 136 10.37 -5.98 -2.56
CA HIS A 136 9.47 -6.33 -3.68
C HIS A 136 8.05 -6.09 -3.15
N VAL A 137 7.10 -5.82 -4.03
CA VAL A 137 5.71 -5.54 -3.62
C VAL A 137 4.70 -5.94 -4.70
N GLN A 138 3.65 -6.66 -4.31
CA GLN A 138 2.49 -6.87 -5.15
C GLN A 138 1.33 -6.03 -4.61
N VAL A 139 0.59 -5.43 -5.52
CA VAL A 139 -0.56 -4.64 -5.18
C VAL A 139 -1.73 -5.23 -5.95
N ILE A 140 -2.73 -5.67 -5.22
CA ILE A 140 -3.92 -6.31 -5.76
C ILE A 140 -5.05 -5.32 -5.58
N SER A 141 -5.76 -5.03 -6.65
CA SER A 141 -6.83 -4.03 -6.56
C SER A 141 -8.07 -4.39 -7.35
N LYS A 142 -9.22 -4.07 -6.77
CA LYS A 142 -10.52 -4.27 -7.41
C LYS A 142 -11.37 -3.00 -7.26
N HIS A 143 -11.56 -2.31 -8.38
CA HIS A 143 -12.48 -1.18 -8.48
C HIS A 143 -13.83 -1.71 -8.94
N ASN A 144 -14.91 -1.15 -8.39
CA ASN A 144 -16.26 -1.67 -8.63
C ASN A 144 -16.53 -2.11 -10.07
N ASP A 145 -16.43 -1.22 -11.03
CA ASP A 145 -16.95 -1.55 -12.36
C ASP A 145 -15.88 -2.16 -13.26
N ASP A 146 -14.84 -2.74 -12.68
CA ASP A 146 -13.69 -3.27 -13.41
C ASP A 146 -13.26 -4.58 -12.77
N GLU A 147 -12.32 -5.24 -13.43
CA GLU A 147 -11.84 -6.52 -12.94
C GLU A 147 -10.74 -6.35 -11.87
N GLN A 148 -10.23 -7.48 -11.35
CA GLN A 148 -9.25 -7.48 -10.28
C GLN A 148 -7.89 -7.69 -10.91
N TYR A 149 -6.93 -6.81 -10.63
CA TYR A 149 -5.59 -6.89 -11.24
C TYR A 149 -4.55 -6.96 -10.18
N VAL A 150 -3.34 -7.30 -10.57
CA VAL A 150 -2.20 -7.40 -9.63
C VAL A 150 -1.05 -6.63 -10.28
N TRP A 151 -0.63 -5.56 -9.61
CA TRP A 151 0.51 -4.73 -10.02
C TRP A 151 1.71 -5.30 -9.33
N GLU A 152 2.90 -5.19 -9.88
CA GLU A 152 4.07 -5.83 -9.25
C GLU A 152 5.29 -5.00 -9.61
N SER A 153 6.23 -4.85 -8.67
CA SER A 153 7.46 -4.06 -8.87
C SER A 153 8.56 -4.55 -7.93
N ASN A 154 9.81 -4.55 -8.38
CA ASN A 154 10.99 -4.99 -7.58
C ASN A 154 11.82 -3.75 -7.26
N ALA A 155 11.30 -2.56 -7.50
CA ALA A 155 11.97 -1.26 -7.23
C ALA A 155 12.94 -0.93 -8.37
N GLY A 156 12.94 -1.69 -9.47
CA GLY A 156 13.77 -1.40 -10.62
C GLY A 156 13.20 -0.24 -11.41
N GLY A 157 13.12 -0.44 -12.72
CA GLY A 157 12.53 0.57 -13.58
C GLY A 157 11.32 0.07 -14.34
N LYS A 158 10.80 -1.08 -13.92
CA LYS A 158 9.74 -1.76 -14.65
C LYS A 158 8.78 -2.39 -13.65
N PHE A 159 7.48 -2.33 -13.99
CA PHE A 159 6.43 -2.95 -13.20
C PHE A 159 5.54 -3.73 -14.15
N THR A 160 4.76 -4.68 -13.64
CA THR A 160 3.82 -5.46 -14.45
C THR A 160 2.40 -5.21 -14.00
N VAL A 161 1.42 -5.46 -14.85
CA VAL A 161 -0.02 -5.37 -14.48
C VAL A 161 -0.70 -6.56 -15.18
N THR A 162 -1.14 -7.57 -14.44
CA THR A 162 -1.74 -8.81 -14.96
C THR A 162 -3.13 -8.95 -14.43
N LEU A 163 -4.03 -9.62 -15.14
CA LEU A 163 -5.37 -9.92 -14.58
C LEU A 163 -5.13 -10.85 -13.39
N ASP A 164 -5.92 -10.73 -12.33
CA ASP A 164 -5.64 -11.45 -11.07
C ASP A 164 -6.35 -12.79 -11.14
N GLU A 165 -5.58 -13.85 -11.38
CA GLU A 165 -6.06 -15.22 -11.40
C GLU A 165 -5.37 -16.10 -10.36
N THR A 166 -4.80 -15.50 -9.30
CA THR A 166 -4.15 -16.28 -8.26
C THR A 166 -4.41 -15.86 -6.81
N ASN A 167 -5.12 -14.76 -6.55
CA ASN A 167 -5.26 -14.26 -5.19
C ASN A 167 -6.73 -14.28 -4.80
N GLU A 168 -7.00 -14.30 -3.50
CA GLU A 168 -8.35 -14.14 -3.00
C GLU A 168 -9.03 -12.91 -3.61
N ARG A 169 -10.33 -13.02 -3.84
CA ARG A 169 -11.12 -11.89 -4.30
C ARG A 169 -11.27 -10.86 -3.19
N LEU A 170 -11.08 -9.62 -3.57
CA LEU A 170 -11.16 -8.52 -2.59
C LEU A 170 -12.58 -8.04 -2.42
N GLY A 171 -13.42 -8.21 -3.44
CA GLY A 171 -14.76 -7.67 -3.38
C GLY A 171 -14.67 -6.24 -3.89
N ARG A 172 -14.07 -5.41 -3.07
CA ARG A 172 -13.68 -4.09 -3.51
C ARG A 172 -12.49 -3.62 -2.70
N GLY A 173 -11.48 -3.10 -3.40
CA GLY A 173 -10.46 -2.35 -2.73
C GLY A 173 -9.08 -2.71 -3.17
N THR A 174 -8.15 -2.68 -2.20
CA THR A 174 -6.72 -2.78 -2.48
C THR A 174 -6.02 -3.57 -1.36
N MET A 175 -5.07 -4.40 -1.76
CA MET A 175 -4.27 -5.12 -0.79
C MET A 175 -2.82 -5.03 -1.24
N LEU A 176 -1.95 -4.49 -0.41
CA LEU A 176 -0.54 -4.47 -0.66
C LEU A 176 0.09 -5.69 0.03
N ARG A 177 0.80 -6.47 -0.74
CA ARG A 177 1.59 -7.59 -0.27
CA ARG A 177 1.59 -7.60 -0.27
C ARG A 177 3.03 -7.10 -0.21
N LEU A 178 3.51 -6.83 0.98
CA LEU A 178 4.88 -6.38 1.14
C LEU A 178 5.79 -7.58 1.37
N PHE A 179 6.77 -7.78 0.47
CA PHE A 179 7.82 -8.79 0.65
C PHE A 179 8.96 -8.18 1.44
N LEU A 180 8.88 -8.33 2.74
CA LEU A 180 9.81 -7.70 3.67
C LEU A 180 11.25 -8.17 3.47
N LYS A 181 12.17 -7.33 3.92
CA LYS A 181 13.61 -7.64 3.88
C LYS A 181 13.87 -8.42 5.16
N GLU A 182 14.94 -9.20 5.22
CA GLU A 182 15.23 -10.08 6.38
C GLU A 182 15.48 -9.26 7.65
N ASP A 183 15.84 -7.99 7.50
CA ASP A 183 16.12 -7.10 8.64
C ASP A 183 14.83 -6.58 9.25
N GLN A 184 13.76 -6.55 8.48
CA GLN A 184 12.49 -5.91 8.92
C GLN A 184 11.39 -6.93 9.20
N LEU A 185 11.74 -8.15 9.58
CA LEU A 185 10.74 -9.21 9.81
C LEU A 185 10.10 -8.99 11.18
N GLU A 186 10.51 -7.98 11.95
CA GLU A 186 9.82 -7.65 13.19
C GLU A 186 8.38 -7.21 12.94
N TYR A 187 8.10 -6.66 11.75
CA TYR A 187 6.79 -6.15 11.40
C TYR A 187 5.76 -7.26 11.09
N LEU A 188 6.15 -8.53 11.18
CA LEU A 188 5.25 -9.67 11.19
C LEU A 188 4.74 -10.02 12.59
N GLU A 189 5.06 -9.23 13.60
CA GLU A 189 4.79 -9.58 14.99
C GLU A 189 3.57 -8.83 15.50
N GLU A 190 2.60 -9.57 16.01
CA GLU A 190 1.38 -8.99 16.53
C GLU A 190 1.68 -7.80 17.44
N LYS A 191 2.63 -7.98 18.37
CA LYS A 191 2.90 -6.91 19.34
C LYS A 191 3.59 -5.72 18.69
N ARG A 192 4.57 -5.98 17.82
CA ARG A 192 5.22 -4.88 17.14
C ARG A 192 4.23 -4.10 16.29
N ILE A 193 3.34 -4.80 15.59
CA ILE A 193 2.39 -4.09 14.75
C ILE A 193 1.40 -3.31 15.61
N LYS A 194 0.98 -3.89 16.75
CA LYS A 194 0.09 -3.18 17.67
C LYS A 194 0.73 -1.86 18.15
N GLU A 195 2.03 -1.87 18.45
CA GLU A 195 2.70 -0.65 18.84
C GLU A 195 2.53 0.42 17.77
N VAL A 196 3.01 0.13 16.56
CA VAL A 196 3.08 1.13 15.48
C VAL A 196 1.70 1.71 15.18
N VAL A 197 0.67 0.87 15.13
CA VAL A 197 -0.68 1.39 14.84
C VAL A 197 -1.17 2.35 15.92
N LYS A 198 -1.12 1.91 17.19
CA LYS A 198 -1.63 2.73 18.30
C LYS A 198 -0.90 4.09 18.40
N LYS A 199 0.41 4.09 18.09
CA LYS A 199 1.25 5.29 18.08
C LYS A 199 0.81 6.33 17.03
N HIS A 200 0.58 5.90 15.80
CA HIS A 200 0.59 6.86 14.69
C HIS A 200 -0.72 6.91 13.93
N SER A 201 -1.72 6.10 14.30
CA SER A 201 -3.00 6.05 13.60
C SER A 201 -4.15 5.93 14.60
N GLU A 202 -4.12 6.81 15.60
CA GLU A 202 -5.23 6.93 16.54
C GLU A 202 -6.49 7.49 15.86
N PHE A 203 -6.35 8.40 14.90
CA PHE A 203 -7.50 9.16 14.39
C PHE A 203 -7.95 8.68 13.02
N VAL A 204 -8.27 7.41 12.99
CA VAL A 204 -8.69 6.74 11.79
C VAL A 204 -10.15 6.37 11.98
N ALA A 205 -10.99 6.87 11.09
CA ALA A 205 -12.43 6.65 11.22
C ALA A 205 -12.83 5.19 11.06
N TYR A 206 -11.89 4.31 10.69
CA TYR A 206 -12.26 2.99 10.22
C TYR A 206 -11.60 1.94 11.11
N PRO A 207 -12.22 0.80 11.26
CA PRO A 207 -11.61 -0.23 12.12
C PRO A 207 -10.32 -0.69 11.48
N ILE A 208 -9.24 -0.69 12.26
CA ILE A 208 -7.98 -1.28 11.84
C ILE A 208 -7.94 -2.67 12.46
N GLN A 209 -8.18 -3.67 11.62
CA GLN A 209 -8.19 -5.06 12.02
C GLN A 209 -6.84 -5.74 11.80
N LEU A 210 -6.40 -6.49 12.80
CA LEU A 210 -5.16 -7.24 12.73
C LEU A 210 -5.51 -8.73 12.76
N VAL A 211 -4.98 -9.50 11.79
CA VAL A 211 -5.29 -10.92 11.63
C VAL A 211 -4.17 -11.68 12.32
N VAL A 212 -4.49 -12.51 13.28
CA VAL A 212 -3.46 -13.23 14.02
C VAL A 212 -3.79 -14.73 14.04
N THR A 213 -2.79 -15.52 13.76
CA THR A 213 -2.89 -16.97 13.71
C THR A 213 -2.24 -17.47 15.01
N LYS A 214 -3.07 -17.90 15.96
CA LYS A 214 -2.65 -18.51 17.22
C LYS A 214 -2.93 -20.02 17.21
N GLU A 215 -1.96 -20.80 17.66
CA GLU A 215 -2.15 -22.24 17.73
C GLU A 215 -3.00 -22.62 18.96
N VAL A 216 -3.93 -23.53 18.76
CA VAL A 216 -4.81 -23.95 19.84
C VAL A 216 -4.07 -25.00 20.65
N GLU A 217 -3.86 -24.71 21.93
CA GLU A 217 -3.13 -25.59 22.84
C GLU A 217 -4.13 -26.27 23.77
F17 990 B . 2.58 7.96 -5.56
C16 990 B . 1.40 7.33 -5.33
C18 990 B . 1.30 6.03 -5.78
C8 990 B . 0.18 5.26 -5.57
C21 990 B . 0.25 3.80 -6.10
N26 990 B . -0.36 2.83 -5.36
C25 990 B . -0.34 1.57 -5.78
O27 990 B . -1.01 0.67 -4.95
C28 990 B . -1.65 1.22 -3.85
C24 990 B . 0.35 1.20 -6.94
C23 990 B . 0.99 2.16 -7.67
C22 990 B . 0.97 3.46 -7.24
C19 990 B . 0.34 7.93 -4.66
C20 990 B . -0.83 7.20 -4.48
C7 990 B . -0.92 5.85 -4.94
C6 990 B . -2.23 5.05 -4.68
N9 990 B . -3.41 5.79 -5.23
C1 990 B . -4.65 5.43 -4.67
O2 990 B . -5.66 6.01 -5.05
C5 990 B . -2.40 4.95 -3.19
C4 990 B . -3.62 4.14 -2.81
N15 990 B . -3.58 3.25 -1.84
C13 990 B . -4.68 2.54 -1.57
N14 990 B . -4.57 1.67 -0.48
N12 990 B . -5.83 2.69 -2.26
C10 990 B . -5.87 3.60 -3.24
C3 990 B . -4.73 4.33 -3.55
C11 990 B . -7.14 3.78 -4.10
H1 990 B . 2.14 5.60 -6.31
H2 990 B . -2.37 1.96 -4.18
H3 990 B . -0.92 1.69 -3.20
H4 990 B . -2.17 0.44 -3.30
H5 990 B . 0.38 0.16 -7.26
H6 990 B . 1.52 1.89 -8.59
H7 990 B . 1.51 4.22 -7.78
H8 990 B . 0.41 8.95 -4.28
H9 990 B . -1.68 7.65 -3.99
H10 990 B . -2.12 4.09 -5.17
H11 990 B . -3.31 6.49 -5.95
H12 990 B . -2.50 5.94 -2.78
H13 990 B . -1.52 4.46 -2.78
H14 990 B . -3.77 1.10 -0.40
H15 990 B . -5.31 1.66 0.22
H16 990 B . -6.92 3.51 -5.13
H17 990 B . -7.47 4.81 -4.05
H18 990 B . -7.93 3.13 -3.71
#